data_3LA5
#
_entry.id   3LA5
#
_cell.length_a   66.845
_cell.length_b   125.105
_cell.length_c   24.990
_cell.angle_alpha   90.000
_cell.angle_beta   90.000
_cell.angle_gamma   90.000
#
_symmetry.space_group_name_H-M   'P 21 21 2'
#
loop_
_entity.id
_entity.type
_entity.pdbx_description
1 polymer 'Adenosine RIboswitch'
2 non-polymer 'MAGNESIUM ION'
3 non-polymer 6-amino-1,3,5-triazin-2(1H)-one
4 water water
#
_entity_poly.entity_id   1
_entity_poly.type   'polyribonucleotide'
_entity_poly.pdbx_seq_one_letter_code
;GGCUUCAUAUAAUCCGAAUGAUAUGGUUUCGGAGCUUCCACCAAGAGCCUUAAACUCUUGACUAUGGAGUC
;
_entity_poly.pdbx_strand_id   A
#
loop_
_chem_comp.id
_chem_comp.type
_chem_comp.name
_chem_comp.formula
5AZ non-polymer 6-amino-1,3,5-triazin-2(1H)-one 'C3 H4 N4 O'
A RNA linking ADENOSINE-5'-MONOPHOSPHATE 'C10 H14 N5 O7 P'
C RNA linking CYTIDINE-5'-MONOPHOSPHATE 'C9 H14 N3 O8 P'
G RNA linking GUANOSINE-5'-MONOPHOSPHATE 'C10 H14 N5 O8 P'
MG non-polymer 'MAGNESIUM ION' 'Mg 2'
U RNA linking URIDINE-5'-MONOPHOSPHATE 'C9 H13 N2 O9 P'
#
# COMPACT_ATOMS: atom_id res chain seq x y z
MG MG B . 9.69 -2.05 -4.74
MG MG C . 1.90 1.60 10.88
MG MG D . -5.51 -7.29 3.91
MG MG E . 6.87 2.39 -4.35
MG MG F . 9.67 -8.94 8.78
MG MG G . -13.30 -2.69 -1.06
MG MG H . 7.60 7.81 -1.04
MG MG I . -4.16 9.83 10.32
MG MG J . 6.84 -20.51 6.74
MG MG K . -13.32 -2.70 8.51
C1 5AZ L . 0.35 3.14 -4.98
N2 5AZ L . -0.55 2.38 -5.60
C3 5AZ L . -1.76 2.21 -5.05
N4 5AZ L . -2.07 2.83 -3.89
C5 5AZ L . -1.14 3.59 -3.27
N6 5AZ L . 0.07 3.75 -3.82
N7 5AZ L . -2.74 1.36 -5.76
O8 5AZ L . 1.56 3.29 -5.57
#